data_7JIR
#
_entry.id   7JIR
#
_cell.length_a   113.864
_cell.length_b   113.864
_cell.length_c   219.576
_cell.angle_alpha   90.000
_cell.angle_beta   90.000
_cell.angle_gamma   90.000
#
_symmetry.space_group_name_H-M   'I 41 2 2'
#
loop_
_entity.id
_entity.type
_entity.pdbx_description
1 polymer 'Papain-like protease'
2 non-polymer 5-amino-2-methyl-N-[(1R)-1-naphthalen-1-ylethyl]benzamide
3 non-polymer 'ZINC ION'
4 non-polymer 'CHLORIDE ION'
5 non-polymer '2-(N-MORPHOLINO)-ETHANESULFONIC ACID'
6 non-polymer 'ACETATE ION'
7 water water
#
_entity_poly.entity_id   1
_entity_poly.type   'polypeptide(L)'
_entity_poly.pdbx_seq_one_letter_code
;SNAEVRTIKVFTTVDNINLHTQVVDMSMTYGQQFGPTYLDGADVTKIKPHNSHEGKTFYVLPNDDTLRVEAFEYYHTTDP
SFLGRYMSALNHTKKWKYPQVNGLTSIKWADNNSYLATALLTLQQIELKFNPPALQDAYYRARAGEAANFCALILAYCNK
TVGELGDVRETMSYLFQHANLDSCKRVLNVVCKTCGQQQTTLKGVEAVMYMGTLSYEQFKKGVQIPCTCGKQATKYLVQQ
ESPFVMMSAPPAQYELKHGTFTCASEYTGNYQCGHYKHITSKETLYCIDGALLTKSSEYKGPITDVFYKENSYTTTIK
;
_entity_poly.pdbx_strand_id   A
#
loop_
_chem_comp.id
_chem_comp.type
_chem_comp.name
_chem_comp.formula
ACT non-polymer 'ACETATE ION' 'C2 H3 O2 -1'
CL non-polymer 'CHLORIDE ION' 'Cl -1'
MES non-polymer '2-(N-MORPHOLINO)-ETHANESULFONIC ACID' 'C6 H13 N O4 S'
TTT non-polymer 5-amino-2-methyl-N-[(1R)-1-naphthalen-1-ylethyl]benzamide 'C20 H20 N2 O'
ZN non-polymer 'ZINC ION' 'Zn 2'
#
# COMPACT_ATOMS: atom_id res chain seq x y z
N VAL A 5 16.20 26.01 37.60
CA VAL A 5 15.62 25.44 36.34
C VAL A 5 15.66 23.90 36.46
N ARG A 6 14.57 23.22 36.09
CA ARG A 6 14.41 21.74 36.18
C ARG A 6 14.16 21.17 34.77
N THR A 7 15.07 20.29 34.32
CA THR A 7 15.26 19.84 32.91
C THR A 7 15.46 18.32 32.86
N ILE A 8 14.96 17.64 31.82
CA ILE A 8 15.41 16.29 31.39
C ILE A 8 16.04 16.43 30.00
N LYS A 9 16.82 15.43 29.58
CA LYS A 9 17.39 15.33 28.21
C LYS A 9 16.52 14.38 27.40
N VAL A 10 16.16 14.77 26.18
CA VAL A 10 15.44 13.88 25.22
C VAL A 10 16.13 13.98 23.87
N PHE A 11 15.75 13.05 22.98
CA PHE A 11 16.08 13.05 21.54
C PHE A 11 14.85 13.44 20.71
N THR A 12 15.03 14.46 19.86
CA THR A 12 14.08 14.80 18.77
C THR A 12 14.58 14.26 17.42
N THR A 13 13.64 14.00 16.54
CA THR A 13 13.90 13.41 15.22
C THR A 13 12.69 13.67 14.34
N VAL A 14 12.83 13.51 13.02
CA VAL A 14 11.68 13.42 12.08
C VAL A 14 11.67 12.03 11.44
N ASP A 15 12.82 11.33 11.45
CA ASP A 15 12.99 10.06 10.69
C ASP A 15 13.33 8.90 11.62
N ASN A 16 13.63 9.19 12.88
CA ASN A 16 14.01 8.19 13.91
C ASN A 16 15.32 7.50 13.49
N ILE A 17 16.22 8.24 12.87
CA ILE A 17 17.56 7.79 12.40
C ILE A 17 18.57 8.82 12.88
N ASN A 18 18.41 10.07 12.41
CA ASN A 18 19.16 11.23 12.94
C ASN A 18 18.45 11.68 14.23
N LEU A 19 19.12 11.53 15.37
CA LEU A 19 18.60 11.95 16.71
C LEU A 19 19.36 13.20 17.15
N HIS A 20 18.63 14.17 17.70
CA HIS A 20 19.17 15.47 18.20
C HIS A 20 18.90 15.56 19.70
N THR A 21 19.96 15.82 20.48
CA THR A 21 19.85 15.98 21.95
C THR A 21 19.22 17.35 22.18
N GLN A 22 18.18 17.37 23.02
CA GLN A 22 17.57 18.61 23.51
C GLN A 22 17.58 18.53 25.04
N VAL A 23 17.72 19.68 25.69
CA VAL A 23 17.44 19.86 27.14
C VAL A 23 16.15 20.66 27.26
N VAL A 24 15.08 20.00 27.73
CA VAL A 24 13.71 20.57 27.86
C VAL A 24 13.52 21.10 29.28
N ASP A 25 12.88 22.26 29.39
CA ASP A 25 12.37 22.83 30.67
C ASP A 25 11.15 22.01 31.11
N MET A 26 11.13 21.52 32.35
CA MET A 26 10.05 20.59 32.81
C MET A 26 8.78 21.38 33.17
N SER A 27 8.88 22.71 33.31
CA SER A 27 7.73 23.62 33.60
C SER A 27 6.98 24.01 32.32
N MET A 28 7.55 23.74 31.13
CA MET A 28 7.01 24.17 29.82
C MET A 28 6.57 22.93 29.01
N THR A 29 5.49 23.08 28.23
CA THR A 29 4.99 21.99 27.34
C THR A 29 6.08 21.72 26.30
N TYR A 30 6.04 20.51 25.73
CA TYR A 30 6.82 20.14 24.52
C TYR A 30 6.55 21.17 23.40
N GLY A 31 5.28 21.51 23.16
CA GLY A 31 4.83 22.43 22.10
C GLY A 31 5.50 23.80 22.21
N GLN A 32 5.58 24.35 23.41
CA GLN A 32 6.20 25.68 23.62
C GLN A 32 7.66 25.65 23.15
N GLN A 33 8.33 24.50 23.30
CA GLN A 33 9.80 24.37 23.10
C GLN A 33 10.15 23.85 21.70
N PHE A 34 9.38 22.91 21.13
CA PHE A 34 9.74 22.24 19.85
C PHE A 34 8.72 22.47 18.72
N GLY A 35 7.53 22.99 19.03
CA GLY A 35 6.35 22.88 18.17
C GLY A 35 5.72 21.50 18.34
N PRO A 36 4.85 21.06 17.41
CA PRO A 36 4.21 19.74 17.51
C PRO A 36 5.24 18.63 17.81
N THR A 37 4.97 17.84 18.85
CA THR A 37 5.85 16.77 19.39
C THR A 37 5.02 15.49 19.60
N TYR A 38 5.54 14.32 19.22
CA TYR A 38 4.82 13.03 19.34
C TYR A 38 5.73 12.00 20.04
N LEU A 39 5.11 11.16 20.88
CA LEU A 39 5.69 9.94 21.54
C LEU A 39 4.95 8.68 21.09
N ASP A 40 5.65 7.84 20.35
CA ASP A 40 5.10 6.59 19.77
C ASP A 40 3.70 6.86 19.14
N GLY A 41 3.52 8.00 18.44
CA GLY A 41 2.25 8.32 17.75
C GLY A 41 1.34 9.20 18.58
N ALA A 42 1.54 9.23 19.90
CA ALA A 42 0.70 9.98 20.85
C ALA A 42 1.10 11.45 20.83
N ASP A 43 0.19 12.35 20.42
CA ASP A 43 0.41 13.83 20.45
C ASP A 43 0.66 14.29 21.89
N VAL A 44 1.85 14.82 22.17
CA VAL A 44 2.27 15.32 23.51
C VAL A 44 2.66 16.80 23.44
N THR A 45 2.23 17.51 22.40
CA THR A 45 2.44 18.97 22.19
C THR A 45 2.13 19.74 23.49
N LYS A 46 0.95 19.50 24.09
CA LYS A 46 0.37 20.32 25.19
C LYS A 46 0.68 19.71 26.55
N ILE A 47 1.32 18.53 26.57
CA ILE A 47 1.80 17.84 27.80
C ILE A 47 3.17 18.42 28.18
N LYS A 48 3.51 18.38 29.46
CA LYS A 48 4.84 18.80 29.99
C LYS A 48 5.65 17.53 30.23
N PRO A 49 6.99 17.64 30.38
CA PRO A 49 7.82 16.45 30.52
C PRO A 49 7.64 15.73 31.87
N HIS A 50 7.26 14.44 31.85
CA HIS A 50 7.35 13.49 33.00
C HIS A 50 8.81 13.03 33.12
N ASN A 51 9.22 12.55 34.30
CA ASN A 51 10.60 12.03 34.55
C ASN A 51 10.85 10.79 33.68
N SER A 52 9.84 9.94 33.49
CA SER A 52 9.89 8.68 32.69
C SER A 52 10.06 8.99 31.19
N HIS A 53 10.08 10.28 30.81
CA HIS A 53 10.40 10.77 29.44
C HIS A 53 11.91 10.86 29.23
N GLU A 54 12.70 11.19 30.27
CA GLU A 54 14.19 11.27 30.23
C GLU A 54 14.75 10.29 29.19
N GLY A 55 15.51 10.80 28.21
CA GLY A 55 16.31 10.01 27.25
C GLY A 55 15.54 9.48 26.06
N LYS A 56 14.19 9.48 26.10
CA LYS A 56 13.30 8.92 25.03
C LYS A 56 13.41 9.74 23.73
N THR A 57 12.90 9.17 22.65
CA THR A 57 12.94 9.79 21.31
C THR A 57 11.53 10.31 20.97
N PHE A 58 11.45 11.63 20.73
CA PHE A 58 10.21 12.29 20.24
C PHE A 58 10.41 12.68 18.78
N TYR A 59 9.38 12.42 17.99
CA TYR A 59 9.19 13.04 16.67
C TYR A 59 8.76 14.50 16.82
N VAL A 60 9.38 15.41 16.05
CA VAL A 60 8.93 16.81 15.94
C VAL A 60 8.56 17.12 14.49
N LEU A 61 7.63 18.04 14.28
CA LEU A 61 7.38 18.66 12.97
C LEU A 61 8.65 19.43 12.62
N PRO A 62 9.20 19.30 11.38
CA PRO A 62 10.42 20.03 11.01
C PRO A 62 10.28 21.55 11.19
N ASN A 63 11.22 22.18 11.86
CA ASN A 63 11.19 23.66 12.09
C ASN A 63 12.57 24.27 11.82
N ASP A 64 13.45 23.57 11.12
CA ASP A 64 14.70 24.16 10.60
C ASP A 64 14.98 23.43 9.29
N ASP A 65 15.92 23.95 8.51
CA ASP A 65 16.27 23.43 7.16
C ASP A 65 16.77 22.01 7.26
N THR A 66 17.71 21.74 8.18
CA THR A 66 18.23 20.38 8.48
C THR A 66 17.10 19.36 8.62
N LEU A 67 16.08 19.66 9.43
CA LEU A 67 14.97 18.71 9.69
C LEU A 67 14.10 18.62 8.43
N ARG A 68 13.87 19.70 7.68
CA ARG A 68 13.01 19.61 6.48
C ARG A 68 13.72 18.69 5.47
N VAL A 69 15.03 18.86 5.33
CA VAL A 69 15.83 18.01 4.39
C VAL A 69 15.82 16.58 4.89
N GLU A 70 16.05 16.34 6.19
CA GLU A 70 15.97 14.93 6.70
C GLU A 70 14.57 14.32 6.49
N ALA A 71 13.50 15.09 6.66
CA ALA A 71 12.13 14.56 6.45
C ALA A 71 11.96 14.22 4.95
N PHE A 72 12.37 15.09 4.05
CA PHE A 72 12.17 14.79 2.61
C PHE A 72 12.95 13.52 2.23
N GLU A 73 14.19 13.40 2.66
CA GLU A 73 15.02 12.22 2.32
C GLU A 73 14.41 10.94 2.90
N TYR A 74 13.77 11.00 4.08
CA TYR A 74 13.18 9.78 4.70
C TYR A 74 11.81 9.45 4.08
N TYR A 75 10.94 10.44 3.84
CA TYR A 75 9.51 10.18 3.49
C TYR A 75 9.21 10.53 2.02
N HIS A 76 10.10 11.25 1.36
CA HIS A 76 9.90 11.79 -0.01
C HIS A 76 8.65 12.67 -0.07
N THR A 77 8.37 13.46 0.95
CA THR A 77 7.30 14.49 0.93
C THR A 77 7.70 15.69 1.80
N THR A 78 7.27 16.89 1.40
CA THR A 78 7.41 18.15 2.18
C THR A 78 6.04 18.54 2.77
N ASP A 79 5.00 17.75 2.54
CA ASP A 79 3.65 18.01 3.08
C ASP A 79 3.78 18.17 4.59
N PRO A 80 3.52 19.39 5.11
CA PRO A 80 3.72 19.64 6.54
C PRO A 80 2.71 18.86 7.39
N SER A 81 1.59 18.41 6.82
CA SER A 81 0.56 17.62 7.57
C SER A 81 1.03 16.14 7.71
N PHE A 82 2.00 15.70 6.89
CA PHE A 82 2.35 14.26 6.75
C PHE A 82 2.67 13.65 8.12
N LEU A 83 3.60 14.24 8.84
CA LEU A 83 4.00 13.70 10.16
C LEU A 83 2.76 13.51 11.03
N GLY A 84 1.90 14.53 11.17
CA GLY A 84 0.74 14.49 12.07
C GLY A 84 -0.20 13.37 11.67
N ARG A 85 -0.45 13.20 10.39
CA ARG A 85 -1.33 12.14 9.85
C ARG A 85 -0.68 10.76 10.12
N TYR A 86 0.64 10.65 10.02
CA TYR A 86 1.37 9.39 10.25
C TYR A 86 1.21 9.03 11.73
N MET A 87 1.40 10.00 12.60
CA MET A 87 1.37 9.74 14.04
C MET A 87 -0.05 9.39 14.50
N SER A 88 -1.10 10.02 13.96
CA SER A 88 -2.51 9.72 14.35
C SER A 88 -2.84 8.29 13.93
N ALA A 89 -2.44 7.88 12.74
CA ALA A 89 -2.57 6.48 12.27
C ALA A 89 -1.82 5.50 13.20
N LEU A 90 -0.54 5.76 13.49
CA LEU A 90 0.34 4.86 14.29
C LEU A 90 -0.26 4.64 15.66
N ASN A 91 -0.91 5.67 16.18
CA ASN A 91 -1.56 5.64 17.52
C ASN A 91 -2.59 4.50 17.61
N HIS A 92 -3.27 4.21 16.50
CA HIS A 92 -4.17 3.03 16.37
C HIS A 92 -3.37 1.78 15.89
N THR A 93 -2.58 1.86 14.84
CA THR A 93 -2.00 0.65 14.23
C THR A 93 -1.07 -0.08 15.23
N LYS A 94 -0.48 0.62 16.18
CA LYS A 94 0.39 -0.01 17.20
C LYS A 94 -0.48 -0.82 18.15
N LYS A 95 -1.79 -0.65 18.19
CA LYS A 95 -2.67 -1.46 19.07
C LYS A 95 -3.29 -2.61 18.30
N TRP A 96 -3.20 -2.63 16.97
CA TRP A 96 -3.69 -3.78 16.19
C TRP A 96 -2.81 -5.02 16.43
N LYS A 97 -3.36 -6.22 16.20
CA LYS A 97 -2.61 -7.50 16.26
C LYS A 97 -2.23 -7.90 14.83
N TYR A 98 -1.02 -8.39 14.65
CA TYR A 98 -0.47 -8.81 13.34
C TYR A 98 -0.12 -10.30 13.37
N PRO A 99 -1.11 -11.22 13.38
CA PRO A 99 -0.80 -12.66 13.44
C PRO A 99 -0.14 -13.13 12.13
N GLN A 100 0.74 -14.13 12.22
CA GLN A 100 1.23 -14.86 11.01
C GLN A 100 0.11 -15.82 10.59
N VAL A 101 -0.32 -15.76 9.34
CA VAL A 101 -1.35 -16.68 8.80
C VAL A 101 -0.78 -17.28 7.51
N ASN A 102 -0.56 -18.59 7.45
CA ASN A 102 -0.08 -19.24 6.21
C ASN A 102 1.25 -18.61 5.76
N GLY A 103 2.14 -18.35 6.73
CA GLY A 103 3.46 -17.71 6.54
C GLY A 103 3.39 -16.26 6.08
N LEU A 104 2.25 -15.56 6.25
CA LEU A 104 2.12 -14.14 5.87
C LEU A 104 1.74 -13.31 7.10
N THR A 105 2.28 -12.10 7.22
CA THR A 105 1.82 -11.15 8.27
C THR A 105 0.44 -10.63 7.85
N SER A 106 -0.59 -10.93 8.63
CA SER A 106 -1.96 -10.41 8.41
C SER A 106 -2.29 -9.33 9.46
N ILE A 107 -3.54 -8.88 9.50
CA ILE A 107 -4.04 -7.98 10.58
C ILE A 107 -5.33 -8.54 11.12
N LYS A 108 -5.39 -8.75 12.42
CA LYS A 108 -6.69 -9.03 13.09
C LYS A 108 -7.65 -7.86 12.82
N TRP A 109 -8.92 -8.15 12.60
CA TRP A 109 -9.86 -7.11 12.13
C TRP A 109 -10.00 -6.06 13.22
N ALA A 110 -9.87 -4.79 12.85
CA ALA A 110 -10.19 -3.61 13.70
C ALA A 110 -10.37 -2.39 12.80
N ASP A 111 -11.20 -1.43 13.21
CA ASP A 111 -11.16 -0.06 12.65
C ASP A 111 -11.29 -0.10 11.11
N ASN A 112 -12.14 -0.97 10.58
CA ASN A 112 -12.42 -1.09 9.12
C ASN A 112 -11.15 -1.43 8.34
N ASN A 113 -10.23 -2.24 8.92
CA ASN A 113 -8.90 -2.41 8.28
C ASN A 113 -8.87 -3.55 7.25
N SER A 114 -9.99 -4.15 6.83
CA SER A 114 -9.95 -5.31 5.89
C SER A 114 -9.14 -4.94 4.65
N TYR A 115 -9.31 -3.74 4.09
CA TYR A 115 -8.61 -3.33 2.85
C TYR A 115 -7.10 -3.27 3.11
N LEU A 116 -6.69 -2.82 4.30
CA LEU A 116 -5.26 -2.67 4.66
C LEU A 116 -4.64 -4.06 4.85
N ALA A 117 -5.34 -4.99 5.45
CA ALA A 117 -4.87 -6.39 5.59
C ALA A 117 -4.65 -7.00 4.20
N THR A 118 -5.66 -6.91 3.34
CA THR A 118 -5.59 -7.42 1.95
C THR A 118 -4.39 -6.81 1.22
N ALA A 119 -4.20 -5.49 1.29
CA ALA A 119 -3.04 -4.81 0.67
C ALA A 119 -1.74 -5.40 1.27
N LEU A 120 -1.67 -5.52 2.60
CA LEU A 120 -0.45 -5.95 3.32
C LEU A 120 -0.06 -7.38 2.88
N LEU A 121 -1.07 -8.25 2.75
CA LEU A 121 -0.83 -9.68 2.35
C LEU A 121 -0.35 -9.71 0.89
N THR A 122 -0.96 -8.91 0.02
CA THR A 122 -0.61 -8.81 -1.40
C THR A 122 0.86 -8.39 -1.55
N LEU A 123 1.25 -7.33 -0.85
CA LEU A 123 2.60 -6.73 -0.97
C LEU A 123 3.65 -7.76 -0.56
N GLN A 124 3.32 -8.72 0.32
CA GLN A 124 4.29 -9.77 0.70
C GLN A 124 4.43 -10.82 -0.42
N GLN A 125 3.66 -10.76 -1.51
CA GLN A 125 3.67 -11.82 -2.55
C GLN A 125 4.08 -11.28 -3.93
N ILE A 126 4.31 -9.98 -4.06
CA ILE A 126 4.76 -9.37 -5.35
C ILE A 126 6.09 -8.65 -5.12
N GLU A 127 6.87 -8.52 -6.19
CA GLU A 127 8.23 -7.89 -6.15
C GLU A 127 8.07 -6.37 -6.36
N LEU A 128 8.52 -5.56 -5.40
CA LEU A 128 8.33 -4.09 -5.37
C LEU A 128 9.45 -3.50 -4.52
N LYS A 129 10.11 -2.46 -4.99
CA LYS A 129 11.03 -1.62 -4.17
C LYS A 129 10.39 -0.23 -4.02
N PHE A 130 10.16 0.19 -2.80
CA PHE A 130 9.65 1.53 -2.44
C PHE A 130 10.79 2.54 -2.56
N ASN A 131 10.50 3.73 -3.11
CA ASN A 131 11.48 4.83 -3.24
C ASN A 131 11.73 5.44 -1.85
N PRO A 132 10.72 5.84 -1.03
CA PRO A 132 11.00 6.44 0.26
C PRO A 132 11.62 5.43 1.23
N PRO A 133 12.80 5.71 1.83
CA PRO A 133 13.37 4.80 2.82
C PRO A 133 12.41 4.45 3.95
N ALA A 134 11.56 5.39 4.35
CA ALA A 134 10.53 5.16 5.38
C ALA A 134 9.71 3.92 5.03
N LEU A 135 9.21 3.86 3.79
CA LEU A 135 8.32 2.75 3.32
C LEU A 135 9.14 1.46 3.17
N GLN A 136 10.35 1.52 2.61
CA GLN A 136 11.19 0.31 2.38
C GLN A 136 11.54 -0.28 3.75
N ASP A 137 11.98 0.53 4.71
CA ASP A 137 12.38 0.03 6.04
C ASP A 137 11.16 -0.61 6.69
N ALA A 138 10.01 0.05 6.61
CA ALA A 138 8.81 -0.42 7.34
C ALA A 138 8.29 -1.70 6.67
N TYR A 139 8.37 -1.80 5.34
CA TYR A 139 7.99 -3.01 4.54
C TYR A 139 8.78 -4.23 5.04
N TYR A 140 10.09 -4.06 5.18
CA TYR A 140 10.97 -5.17 5.67
C TYR A 140 10.52 -5.56 7.06
N ARG A 141 10.23 -4.57 7.91
CA ARG A 141 9.83 -4.87 9.30
C ARG A 141 8.48 -5.57 9.29
N ALA A 142 7.60 -5.19 8.38
CA ALA A 142 6.26 -5.79 8.32
C ALA A 142 6.38 -7.27 7.91
N ARG A 143 7.21 -7.56 6.92
CA ARG A 143 7.53 -8.92 6.41
CA ARG A 143 7.45 -8.94 6.43
C ARG A 143 7.90 -9.79 7.61
N ALA A 144 8.72 -9.25 8.50
CA ALA A 144 9.19 -9.98 9.68
C ALA A 144 8.21 -9.88 10.85
N GLY A 145 6.97 -9.42 10.65
CA GLY A 145 5.94 -9.58 11.70
C GLY A 145 5.57 -8.29 12.43
N GLU A 146 6.31 -7.17 12.26
CA GLU A 146 6.08 -5.89 12.97
C GLU A 146 5.58 -4.84 11.96
N ALA A 147 4.28 -4.82 11.72
CA ALA A 147 3.67 -4.10 10.58
C ALA A 147 2.96 -2.81 11.00
N ALA A 148 2.98 -2.42 12.29
CA ALA A 148 2.27 -1.22 12.79
C ALA A 148 2.72 0.03 12.02
N ASN A 149 4.04 0.25 11.93
CA ASN A 149 4.58 1.45 11.25
C ASN A 149 4.20 1.42 9.79
N PHE A 150 4.37 0.28 9.16
CA PHE A 150 4.08 0.20 7.71
C PHE A 150 2.61 0.55 7.48
N CYS A 151 1.69 0.02 8.28
CA CYS A 151 0.24 0.27 8.09
C CYS A 151 -0.08 1.78 8.27
N ALA A 152 0.55 2.44 9.23
CA ALA A 152 0.39 3.88 9.53
C ALA A 152 0.90 4.68 8.32
N LEU A 153 2.04 4.27 7.76
CA LEU A 153 2.60 4.95 6.58
C LEU A 153 1.66 4.76 5.41
N ILE A 154 1.14 3.56 5.20
CA ILE A 154 0.20 3.35 4.06
C ILE A 154 -0.94 4.37 4.20
N LEU A 155 -1.51 4.47 5.39
CA LEU A 155 -2.62 5.41 5.66
C LEU A 155 -2.17 6.86 5.33
N ALA A 156 -1.03 7.32 5.83
CA ALA A 156 -0.56 8.71 5.59
C ALA A 156 -0.35 8.92 4.07
N TYR A 157 0.31 7.98 3.39
CA TYR A 157 0.63 8.14 1.95
C TYR A 157 -0.65 8.11 1.10
N CYS A 158 -1.69 7.40 1.55
CA CYS A 158 -2.95 7.31 0.79
C CYS A 158 -3.91 8.44 1.18
N ASN A 159 -3.53 9.31 2.12
CA ASN A 159 -4.42 10.39 2.63
C ASN A 159 -5.67 9.75 3.25
N LYS A 160 -5.53 8.68 4.03
CA LYS A 160 -6.66 8.02 4.71
C LYS A 160 -6.43 8.06 6.19
N THR A 161 -7.51 8.09 6.94
CA THR A 161 -7.46 8.02 8.42
C THR A 161 -7.97 6.63 8.80
N VAL A 162 -7.61 6.23 10.00
CA VAL A 162 -8.11 4.98 10.62
C VAL A 162 -9.63 5.06 10.64
N GLY A 163 -10.25 3.95 10.24
CA GLY A 163 -11.71 3.79 10.21
C GLY A 163 -12.30 4.13 8.87
N GLU A 164 -11.62 4.95 8.09
CA GLU A 164 -12.12 5.35 6.76
C GLU A 164 -12.18 4.11 5.84
N LEU A 165 -13.20 4.05 5.00
CA LEU A 165 -13.44 2.93 4.07
C LEU A 165 -12.49 3.11 2.88
N GLY A 166 -11.70 2.07 2.60
CA GLY A 166 -10.64 2.09 1.59
C GLY A 166 -10.84 1.02 0.53
N ASP A 167 -10.37 1.33 -0.68
CA ASP A 167 -10.42 0.42 -1.83
C ASP A 167 -8.98 -0.11 -2.03
N VAL A 168 -8.82 -1.42 -2.17
CA VAL A 168 -7.48 -2.05 -2.33
C VAL A 168 -6.81 -1.57 -3.63
N ARG A 169 -7.54 -1.58 -4.75
CA ARG A 169 -6.99 -1.11 -6.04
C ARG A 169 -6.46 0.31 -5.91
N GLU A 170 -7.21 1.24 -5.31
CA GLU A 170 -6.73 2.63 -5.14
C GLU A 170 -5.50 2.66 -4.24
N THR A 171 -5.51 1.92 -3.13
CA THR A 171 -4.38 1.86 -2.17
C THR A 171 -3.12 1.32 -2.90
N MET A 172 -3.25 0.23 -3.65
CA MET A 172 -2.09 -0.36 -4.39
C MET A 172 -1.62 0.68 -5.40
N SER A 173 -2.53 1.35 -6.09
CA SER A 173 -2.15 2.38 -7.09
C SER A 173 -1.28 3.47 -6.41
N TYR A 174 -1.70 4.02 -5.27
CA TYR A 174 -0.91 5.02 -4.53
C TYR A 174 0.45 4.46 -4.12
N LEU A 175 0.50 3.22 -3.61
CA LEU A 175 1.78 2.62 -3.18
C LEU A 175 2.72 2.41 -4.38
N PHE A 176 2.18 2.00 -5.53
CA PHE A 176 2.96 1.76 -6.77
C PHE A 176 3.58 3.10 -7.21
N GLN A 177 2.89 4.23 -7.02
CA GLN A 177 3.42 5.58 -7.38
C GLN A 177 4.61 5.91 -6.47
N HIS A 178 4.77 5.23 -5.34
CA HIS A 178 5.91 5.44 -4.43
C HIS A 178 6.94 4.32 -4.61
N ALA A 179 6.88 3.58 -5.71
CA ALA A 179 7.75 2.39 -5.92
C ALA A 179 8.51 2.56 -7.23
N ASN A 180 9.59 1.78 -7.39
CA ASN A 180 10.40 1.87 -8.63
C ASN A 180 9.78 0.94 -9.67
N LEU A 181 8.91 1.48 -10.50
CA LEU A 181 8.29 0.73 -11.61
C LEU A 181 8.70 1.32 -12.97
N ASP A 182 9.85 1.99 -13.07
CA ASP A 182 10.36 2.62 -14.32
C ASP A 182 10.65 1.55 -15.38
N SER A 183 11.34 0.46 -15.04
CA SER A 183 11.58 -0.68 -15.97
C SER A 183 10.27 -1.26 -16.49
N CYS A 184 9.11 -0.95 -15.89
CA CYS A 184 7.84 -1.59 -16.30
C CYS A 184 7.34 -0.92 -17.55
N LYS A 185 7.10 -1.75 -18.57
CA LYS A 185 6.67 -1.35 -19.93
C LYS A 185 5.46 -2.21 -20.33
N ARG A 186 4.44 -1.60 -20.94
CA ARG A 186 3.30 -2.32 -21.55
C ARG A 186 3.11 -1.77 -22.97
N VAL A 187 3.04 -2.62 -23.98
CA VAL A 187 2.69 -2.21 -25.36
C VAL A 187 1.30 -2.77 -25.66
N LEU A 188 0.39 -1.93 -26.14
CA LEU A 188 -0.99 -2.33 -26.44
C LEU A 188 -1.21 -2.11 -27.93
N ASN A 189 -2.05 -2.96 -28.53
CA ASN A 189 -2.58 -2.68 -29.88
C ASN A 189 -4.08 -2.55 -29.75
N VAL A 190 -4.58 -1.48 -30.36
CA VAL A 190 -6.03 -1.18 -30.53
C VAL A 190 -6.33 -1.36 -32.03
N VAL A 191 -7.31 -2.22 -32.34
CA VAL A 191 -7.73 -2.58 -33.72
C VAL A 191 -9.19 -2.12 -33.90
N CYS A 192 -9.40 -1.13 -34.79
CA CYS A 192 -10.73 -0.63 -35.26
C CYS A 192 -10.81 -0.76 -36.79
N LYS A 193 -12.01 -1.09 -37.30
CA LYS A 193 -12.29 -1.25 -38.75
C LYS A 193 -11.91 0.04 -39.49
N THR A 194 -12.21 1.22 -38.92
CA THR A 194 -12.08 2.54 -39.58
C THR A 194 -10.68 3.13 -39.34
N CYS A 195 -10.36 3.61 -38.12
CA CYS A 195 -9.09 4.36 -37.86
C CYS A 195 -7.92 3.37 -38.06
N GLY A 196 -8.17 2.08 -37.84
CA GLY A 196 -7.22 0.99 -38.16
C GLY A 196 -6.54 0.44 -36.92
N GLN A 197 -5.20 0.37 -36.95
CA GLN A 197 -4.36 -0.19 -35.85
C GLN A 197 -3.45 0.89 -35.29
N GLN A 198 -3.50 1.10 -33.97
CA GLN A 198 -2.55 2.00 -33.27
C GLN A 198 -2.02 1.33 -32.01
N GLN A 199 -0.71 1.47 -31.86
CA GLN A 199 0.13 0.89 -30.79
C GLN A 199 0.40 2.03 -29.80
N THR A 200 0.41 1.70 -28.52
CA THR A 200 0.66 2.65 -27.40
CA THR A 200 0.69 2.66 -27.42
C THR A 200 1.59 1.94 -26.40
N THR A 201 2.55 2.67 -25.85
CA THR A 201 3.48 2.16 -24.82
C THR A 201 3.14 2.87 -23.51
N LEU A 202 2.85 2.11 -22.45
CA LEU A 202 2.66 2.64 -21.07
C LEU A 202 3.89 2.26 -20.25
N LYS A 203 4.22 3.08 -19.25
CA LYS A 203 5.38 2.92 -18.34
C LYS A 203 4.89 3.03 -16.89
N GLY A 204 5.68 2.52 -15.94
CA GLY A 204 5.38 2.70 -14.50
C GLY A 204 4.04 2.09 -14.13
N VAL A 205 3.33 2.78 -13.25
CA VAL A 205 2.08 2.25 -12.62
C VAL A 205 1.12 1.78 -13.69
N GLU A 206 0.97 2.56 -14.74
CA GLU A 206 -0.04 2.31 -15.79
C GLU A 206 0.35 1.06 -16.59
N ALA A 207 1.62 0.65 -16.53
CA ALA A 207 2.13 -0.58 -17.19
C ALA A 207 1.67 -1.82 -16.42
N VAL A 208 1.38 -1.71 -15.10
CA VAL A 208 1.12 -2.93 -14.26
C VAL A 208 -0.34 -3.03 -13.82
N MET A 209 -1.18 -2.04 -14.07
CA MET A 209 -2.59 -2.03 -13.58
C MET A 209 -3.53 -1.98 -14.78
N TYR A 210 -4.59 -2.76 -14.75
CA TYR A 210 -5.69 -2.62 -15.74
C TYR A 210 -6.99 -2.81 -14.98
N MET A 211 -7.98 -2.03 -15.39
CA MET A 211 -9.34 -2.06 -14.81
C MET A 211 -10.30 -2.42 -15.96
N GLY A 212 -11.13 -3.45 -15.79
CA GLY A 212 -12.04 -3.94 -16.85
C GLY A 212 -12.15 -5.46 -16.89
N THR A 213 -11.09 -6.21 -16.61
CA THR A 213 -11.20 -7.70 -16.54
C THR A 213 -10.18 -8.19 -15.52
N LEU A 214 -10.50 -9.32 -14.91
CA LEU A 214 -9.68 -10.06 -13.94
C LEU A 214 -8.70 -11.00 -14.68
N SER A 215 -9.04 -11.43 -15.92
CA SER A 215 -8.32 -12.51 -16.66
C SER A 215 -7.14 -11.89 -17.40
N TYR A 216 -5.91 -12.20 -17.00
CA TYR A 216 -4.69 -11.83 -17.76
C TYR A 216 -4.78 -12.50 -19.15
N GLU A 217 -5.25 -13.74 -19.20
CA GLU A 217 -5.43 -14.49 -20.48
C GLU A 217 -6.32 -13.66 -21.40
N GLN A 218 -7.43 -13.12 -20.89
CA GLN A 218 -8.43 -12.44 -21.74
C GLN A 218 -7.82 -11.13 -22.25
N PHE A 219 -6.98 -10.51 -21.43
CA PHE A 219 -6.27 -9.26 -21.83
C PHE A 219 -5.39 -9.57 -23.05
N LYS A 220 -4.76 -10.74 -23.06
CA LYS A 220 -3.84 -11.20 -24.13
C LYS A 220 -4.62 -11.41 -25.42
N LYS A 221 -5.80 -12.02 -25.34
CA LYS A 221 -6.65 -12.37 -26.52
C LYS A 221 -7.42 -11.15 -27.01
N GLY A 222 -7.36 -10.04 -26.26
CA GLY A 222 -8.03 -8.78 -26.60
C GLY A 222 -9.35 -8.68 -25.87
N VAL A 223 -9.76 -7.45 -25.56
CA VAL A 223 -11.05 -7.12 -24.90
C VAL A 223 -11.71 -6.02 -25.74
N GLN A 224 -13.04 -5.92 -25.64
CA GLN A 224 -13.83 -4.95 -26.43
C GLN A 224 -13.87 -3.61 -25.71
N ILE A 225 -13.22 -2.57 -26.28
CA ILE A 225 -13.23 -1.16 -25.75
C ILE A 225 -13.78 -0.19 -26.81
N PRO A 226 -14.49 0.87 -26.38
CA PRO A 226 -14.85 1.97 -27.29
C PRO A 226 -13.69 2.66 -28.02
N CYS A 227 -13.88 2.94 -29.32
CA CYS A 227 -12.96 3.75 -30.18
C CYS A 227 -13.55 5.16 -30.28
N THR A 228 -12.69 6.18 -30.39
CA THR A 228 -13.08 7.63 -30.44
C THR A 228 -13.71 7.98 -31.79
N CYS A 229 -13.68 7.08 -32.79
CA CYS A 229 -14.39 7.23 -34.09
C CYS A 229 -15.89 6.96 -33.91
N GLY A 230 -16.25 6.21 -32.86
CA GLY A 230 -17.65 5.77 -32.59
C GLY A 230 -17.75 4.27 -32.42
N LYS A 231 -16.94 3.51 -33.18
CA LYS A 231 -16.87 2.02 -33.14
C LYS A 231 -16.45 1.50 -31.75
N GLN A 232 -16.77 0.23 -31.48
CA GLN A 232 -16.04 -0.65 -30.53
C GLN A 232 -14.70 -1.01 -31.19
N ALA A 233 -13.66 -1.31 -30.41
CA ALA A 233 -12.34 -1.76 -30.91
C ALA A 233 -11.83 -2.88 -30.00
N THR A 234 -10.76 -3.57 -30.45
CA THR A 234 -10.03 -4.59 -29.64
C THR A 234 -8.70 -3.98 -29.19
N LYS A 235 -8.60 -3.80 -27.88
CA LYS A 235 -7.33 -3.59 -27.14
C LYS A 235 -6.80 -4.99 -26.80
N TYR A 236 -5.56 -5.29 -27.17
CA TYR A 236 -4.91 -6.55 -26.75
C TYR A 236 -3.46 -6.23 -26.34
N LEU A 237 -2.90 -7.10 -25.51
CA LEU A 237 -1.54 -6.95 -24.97
C LEU A 237 -0.55 -7.48 -26.00
N VAL A 238 0.40 -6.62 -26.38
CA VAL A 238 1.47 -6.89 -27.37
C VAL A 238 2.70 -7.35 -26.62
N GLN A 239 3.19 -6.51 -25.71
CA GLN A 239 4.41 -6.79 -24.91
C GLN A 239 4.18 -6.33 -23.45
N GLN A 240 4.58 -7.17 -22.48
CA GLN A 240 4.59 -6.86 -21.04
C GLN A 240 5.97 -7.15 -20.46
N GLU A 241 6.60 -6.13 -19.86
CA GLU A 241 7.83 -6.29 -19.06
C GLU A 241 7.55 -5.73 -17.65
N SER A 242 7.28 -6.62 -16.71
CA SER A 242 7.04 -6.30 -15.28
C SER A 242 7.15 -7.60 -14.50
N PRO A 243 7.49 -7.55 -13.19
CA PRO A 243 7.56 -8.76 -12.38
C PRO A 243 6.16 -9.27 -11.94
N PHE A 244 5.12 -8.46 -12.12
CA PHE A 244 3.71 -8.80 -11.83
C PHE A 244 2.79 -7.92 -12.65
N VAL A 245 1.53 -8.31 -12.74
CA VAL A 245 0.46 -7.43 -13.25
C VAL A 245 -0.71 -7.54 -12.27
N MET A 246 -1.53 -6.51 -12.26
CA MET A 246 -2.73 -6.40 -11.40
C MET A 246 -3.92 -6.16 -12.31
N MET A 247 -4.85 -7.12 -12.35
CA MET A 247 -6.09 -7.09 -13.15
C MET A 247 -7.26 -6.89 -12.19
N SER A 248 -8.05 -5.84 -12.41
CA SER A 248 -9.20 -5.46 -11.57
C SER A 248 -10.47 -5.35 -12.41
N ALA A 249 -11.62 -5.55 -11.77
CA ALA A 249 -12.96 -5.29 -12.32
C ALA A 249 -13.92 -5.11 -11.16
N PRO A 250 -15.09 -4.48 -11.39
CA PRO A 250 -16.12 -4.38 -10.36
C PRO A 250 -16.36 -5.80 -9.86
N PRO A 251 -16.63 -6.02 -8.57
CA PRO A 251 -16.83 -7.37 -8.08
C PRO A 251 -17.82 -8.16 -8.94
N ALA A 252 -17.52 -9.43 -9.20
CA ALA A 252 -18.40 -10.38 -9.90
C ALA A 252 -17.95 -11.79 -9.51
N GLN A 253 -18.89 -12.73 -9.45
CA GLN A 253 -18.60 -14.17 -9.31
C GLN A 253 -17.53 -14.55 -10.35
N TYR A 254 -16.49 -15.20 -9.84
CA TYR A 254 -15.28 -15.58 -10.59
C TYR A 254 -14.71 -16.85 -9.96
N GLU A 255 -14.23 -17.72 -10.83
CA GLU A 255 -13.61 -18.99 -10.45
C GLU A 255 -12.11 -18.76 -10.39
N LEU A 256 -11.49 -19.15 -9.29
CA LEU A 256 -10.01 -19.05 -9.14
C LEU A 256 -9.44 -20.45 -9.18
N LYS A 257 -8.49 -20.71 -10.08
CA LYS A 257 -7.88 -22.06 -10.22
C LYS A 257 -6.48 -22.05 -9.61
N HIS A 258 -6.26 -22.97 -8.68
CA HIS A 258 -4.94 -23.23 -8.04
C HIS A 258 -3.87 -23.14 -9.12
N GLY A 259 -2.80 -22.38 -8.90
CA GLY A 259 -1.60 -22.40 -9.76
C GLY A 259 -1.73 -21.50 -10.99
N THR A 260 -2.85 -20.82 -11.24
CA THR A 260 -3.02 -19.90 -12.40
C THR A 260 -3.02 -18.43 -12.01
N PHE A 261 -2.77 -18.08 -10.74
CA PHE A 261 -2.70 -16.67 -10.28
C PHE A 261 -1.85 -16.65 -9.01
N THR A 262 -1.32 -15.52 -8.58
CA THR A 262 -0.59 -15.42 -7.29
C THR A 262 -1.60 -15.25 -6.13
N CYS A 263 -2.41 -14.19 -6.18
CA CYS A 263 -3.37 -13.87 -5.09
C CYS A 263 -4.46 -12.97 -5.66
N ALA A 264 -5.53 -12.76 -4.88
CA ALA A 264 -6.75 -12.07 -5.33
C ALA A 264 -7.48 -11.42 -4.14
N SER A 265 -8.14 -10.30 -4.41
CA SER A 265 -9.02 -9.56 -3.48
C SER A 265 -10.45 -10.06 -3.68
N GLU A 266 -11.02 -10.67 -2.64
CA GLU A 266 -12.47 -10.94 -2.59
C GLU A 266 -13.18 -9.74 -1.94
N TYR A 267 -14.28 -9.29 -2.51
CA TYR A 267 -15.07 -8.17 -1.94
C TYR A 267 -16.54 -8.54 -1.89
N THR A 268 -17.12 -8.53 -0.67
CA THR A 268 -18.54 -8.88 -0.41
C THR A 268 -19.28 -7.65 0.15
N GLY A 269 -20.43 -7.32 -0.43
CA GLY A 269 -21.41 -6.37 0.13
C GLY A 269 -21.57 -5.16 -0.77
N ASN A 270 -22.06 -4.07 -0.20
CA ASN A 270 -22.39 -2.84 -0.98
C ASN A 270 -21.11 -2.11 -1.32
N TYR A 271 -21.21 -1.24 -2.30
CA TYR A 271 -20.20 -0.23 -2.66
C TYR A 271 -19.73 0.44 -1.37
N GLN A 272 -18.41 0.45 -1.16
CA GLN A 272 -17.69 1.17 -0.08
C GLN A 272 -17.77 0.48 1.29
N CYS A 273 -18.92 0.00 1.74
CA CYS A 273 -19.05 -0.44 3.15
C CYS A 273 -19.09 -1.96 3.23
N GLY A 274 -18.56 -2.66 2.23
CA GLY A 274 -18.44 -4.13 2.30
C GLY A 274 -17.15 -4.55 2.98
N HIS A 275 -16.77 -5.79 2.77
CA HIS A 275 -15.65 -6.46 3.49
C HIS A 275 -14.74 -7.18 2.48
N TYR A 276 -13.44 -6.97 2.57
CA TYR A 276 -12.43 -7.65 1.77
C TYR A 276 -11.93 -8.90 2.51
N LYS A 277 -11.65 -9.96 1.74
CA LYS A 277 -10.82 -11.11 2.14
C LYS A 277 -9.76 -11.31 1.05
N HIS A 278 -8.76 -12.12 1.34
CA HIS A 278 -7.58 -12.31 0.46
C HIS A 278 -7.48 -13.81 0.12
N ILE A 279 -7.44 -14.13 -1.16
CA ILE A 279 -7.24 -15.54 -1.65
C ILE A 279 -5.82 -15.65 -2.19
N THR A 280 -5.08 -16.65 -1.74
CA THR A 280 -3.68 -16.87 -2.19
C THR A 280 -3.54 -18.32 -2.67
N SER A 281 -2.83 -18.50 -3.78
CA SER A 281 -2.59 -19.83 -4.42
C SER A 281 -1.26 -20.38 -3.91
N LYS A 282 -1.32 -21.38 -3.04
CA LYS A 282 -0.16 -22.13 -2.49
C LYS A 282 -0.23 -23.55 -3.04
N GLU A 283 -0.02 -24.58 -2.22
CA GLU A 283 -0.19 -25.99 -2.62
C GLU A 283 -1.68 -26.23 -2.81
N THR A 284 -2.52 -25.40 -2.18
CA THR A 284 -3.99 -25.34 -2.35
C THR A 284 -4.42 -23.88 -2.17
N LEU A 285 -5.72 -23.55 -2.29
CA LEU A 285 -6.21 -22.15 -2.18
C LEU A 285 -6.48 -21.83 -0.72
N TYR A 286 -5.87 -20.77 -0.22
CA TYR A 286 -6.07 -20.28 1.16
C TYR A 286 -6.87 -18.97 1.13
N CYS A 287 -7.85 -18.86 2.00
CA CYS A 287 -8.63 -17.63 2.17
C CYS A 287 -8.27 -16.99 3.52
N ILE A 288 -7.59 -15.84 3.48
CA ILE A 288 -7.15 -15.13 4.71
C ILE A 288 -8.13 -13.98 4.93
N ASP A 289 -8.89 -14.10 6.01
CA ASP A 289 -9.87 -13.11 6.51
C ASP A 289 -9.34 -12.51 7.81
N GLY A 290 -8.40 -11.59 7.71
CA GLY A 290 -7.72 -11.04 8.89
C GLY A 290 -6.91 -12.09 9.64
N ALA A 291 -7.35 -12.45 10.85
CA ALA A 291 -6.78 -13.51 11.70
C ALA A 291 -7.32 -14.88 11.28
N LEU A 292 -8.38 -14.96 10.49
CA LEU A 292 -9.08 -16.22 10.17
C LEU A 292 -8.51 -16.83 8.88
N LEU A 293 -8.34 -18.16 8.86
CA LEU A 293 -7.81 -18.91 7.69
C LEU A 293 -8.75 -20.05 7.34
N THR A 294 -9.16 -20.16 6.09
CA THR A 294 -9.83 -21.39 5.56
C THR A 294 -9.09 -21.82 4.29
N LYS A 295 -9.22 -23.07 3.89
CA LYS A 295 -8.56 -23.57 2.66
C LYS A 295 -9.55 -24.44 1.91
N SER A 296 -9.43 -24.45 0.60
CA SER A 296 -10.18 -25.37 -0.27
C SER A 296 -9.42 -25.55 -1.59
N SER A 297 -9.77 -26.59 -2.34
CA SER A 297 -9.06 -26.97 -3.58
C SER A 297 -9.65 -26.14 -4.72
N GLU A 298 -10.91 -25.73 -4.58
CA GLU A 298 -11.61 -24.90 -5.58
C GLU A 298 -12.12 -23.64 -4.90
N TYR A 299 -12.41 -22.62 -5.70
CA TYR A 299 -12.96 -21.33 -5.23
C TYR A 299 -13.81 -20.72 -6.33
N LYS A 300 -15.04 -20.36 -5.98
CA LYS A 300 -15.88 -19.44 -6.80
C LYS A 300 -16.44 -18.39 -5.84
N GLY A 301 -16.30 -17.12 -6.16
CA GLY A 301 -16.72 -16.05 -5.26
C GLY A 301 -16.52 -14.68 -5.87
N PRO A 302 -16.95 -13.62 -5.15
CA PRO A 302 -16.92 -12.27 -5.69
C PRO A 302 -15.52 -11.65 -5.63
N ILE A 303 -14.82 -11.63 -6.78
CA ILE A 303 -13.41 -11.15 -6.89
C ILE A 303 -13.39 -9.80 -7.61
N THR A 304 -12.47 -8.89 -7.24
CA THR A 304 -12.32 -7.54 -7.82
C THR A 304 -10.88 -7.26 -8.21
N ASP A 305 -9.90 -7.96 -7.64
CA ASP A 305 -8.49 -7.83 -8.08
C ASP A 305 -7.86 -9.23 -8.20
N VAL A 306 -7.07 -9.47 -9.24
CA VAL A 306 -6.22 -10.70 -9.33
C VAL A 306 -4.82 -10.25 -9.70
N PHE A 307 -3.84 -10.77 -8.95
CA PHE A 307 -2.39 -10.55 -9.18
C PHE A 307 -1.81 -11.82 -9.84
N TYR A 308 -0.96 -11.60 -10.84
CA TYR A 308 -0.26 -12.63 -11.65
C TYR A 308 1.22 -12.25 -11.73
N LYS A 309 2.10 -13.25 -11.77
CA LYS A 309 3.56 -13.11 -12.00
C LYS A 309 3.83 -12.87 -13.47
N GLU A 310 4.95 -12.22 -13.77
CA GLU A 310 5.34 -11.88 -15.16
C GLU A 310 6.85 -11.66 -15.10
N ASN A 311 7.54 -11.73 -16.23
CA ASN A 311 8.95 -11.25 -16.34
C ASN A 311 8.99 -10.44 -17.65
N SER A 312 8.64 -11.13 -18.74
CA SER A 312 8.76 -10.68 -20.14
C SER A 312 7.77 -11.50 -20.98
N TYR A 313 6.72 -10.87 -21.52
CA TYR A 313 5.77 -11.53 -22.44
C TYR A 313 5.73 -10.75 -23.75
N THR A 314 5.74 -11.49 -24.87
CA THR A 314 5.50 -10.97 -26.23
C THR A 314 4.43 -11.85 -26.87
N THR A 315 3.37 -11.23 -27.42
CA THR A 315 2.26 -11.95 -28.11
C THR A 315 2.78 -12.64 -29.39
N THR A 316 2.00 -13.60 -29.88
CA THR A 316 2.21 -14.35 -31.15
C THR A 316 0.97 -14.16 -32.05
N ILE A 317 0.37 -12.96 -32.09
CA ILE A 317 -0.97 -12.73 -32.71
C ILE A 317 -0.81 -12.31 -34.19
C1 TTT B . -15.38 -0.28 -3.31
C3 TTT B . -14.83 0.95 -2.68
C8 TTT B . -17.30 -1.97 -6.16
C9 TTT B . -15.64 -0.82 -8.15
C10 TTT B . -14.33 0.87 -1.29
C11 TTT B . -17.86 -1.52 -7.46
C12 TTT B . -16.99 -0.94 -8.38
C13 TTT B . -14.88 2.18 -3.30
C14 TTT B . -18.17 -2.54 -5.25
C16 TTT B . -14.29 -0.44 -0.55
C19 TTT B . -14.39 3.31 -2.60
C20 TTT B . -19.52 -2.66 -5.56
C21 TTT B . -13.86 3.24 -1.30
C22 TTT B . -20.09 -2.20 -6.78
O7 TTT B . -16.55 -0.53 -3.05
C17 TTT B . -13.85 2.02 -0.66
N01 TTT B . -14.42 4.50 -3.17
N2 TTT B . -14.59 -1.03 -4.08
C6 TTT B . -15.11 -2.21 -4.70
C01 TTT B . -13.98 -3.22 -4.94
C5 TTT B . -15.84 -1.79 -5.94
C18 TTT B . -19.22 -1.63 -7.74
C4 TTT B . -15.08 -1.23 -6.94
ZN ZN C . -11.62 4.47 -35.34
ZN ZN D . 19.64 16.30 12.19
ZN ZN E . -8.47 2.44 16.74
ZN ZN E . -7.83 3.13 18.33
ZN ZN F . 10.15 9.72 -4.14
CL CL G . 15.63 13.51 12.06
CL CL H . 8.31 8.45 -3.81
CL CL I . 9.59 11.88 -4.51
CL CL J . -7.02 1.05 17.70
O1 MES K . -5.54 16.65 22.27
C2 MES K . -6.72 15.91 21.99
C3 MES K . -6.70 14.57 22.71
N4 MES K . -5.48 13.77 22.34
C5 MES K . -4.25 14.61 22.54
C6 MES K . -4.39 15.95 21.85
C7 MES K . -5.46 12.47 23.10
C8 MES K . -4.09 11.87 23.36
S MES K . -3.53 10.73 22.09
O1S MES K . -4.59 9.78 21.93
O2S MES K . -3.25 11.52 20.92
O3S MES K . -2.34 10.12 22.60
C ACT L . -14.20 -3.74 6.82
O ACT L . -14.90 -4.76 6.85
OXT ACT L . -13.03 -3.72 7.16
CH3 ACT L . -14.84 -2.42 6.31
#